data_5UBI
#
_entry.id   5UBI
#
_cell.length_a   66.003
_cell.length_b   79.690
_cell.length_c   91.119
_cell.angle_alpha   90.00
_cell.angle_beta   90.00
_cell.angle_gamma   90.00
#
_symmetry.space_group_name_H-M   'P 21 21 21'
#
loop_
_entity.id
_entity.type
_entity.pdbx_description
1 polymer 'ATP phosphoribosyltransferase'
2 non-polymer 'ZINC ION'
3 non-polymer 'ACETATE ION'
4 non-polymer 1-O-pyrophosphono-5-O-phosphono-alpha-D-ribofuranose
5 non-polymer 'MAGNESIUM ION'
6 non-polymer 1,2-ETHANEDIOL
7 water water
#
_entity_poly.entity_id   1
_entity_poly.type   'polypeptide(L)'
_entity_poly.pdbx_seq_one_letter_code
;GMQENTRLRIAIQKSGRLSKESIELLSECGVKMHIHEQSLIAFSTNLPIDILRVRDDDIPGLIFDGVVDLGIIGENVLEE
NELERQSLGENPSYKLLKKLDFGYCRLSLALPQENKFQNLKDFEGLRIATSYPQLLKRFMKENGINYKNCTLTGSVEVAP
RANLADAICDLVSSGATLQANNLKEVKVIYESRACLIQKENALSKEKQALVDKIMLRVAGVMQARE
;
_entity_poly.pdbx_strand_id   A,B
#
loop_
_chem_comp.id
_chem_comp.type
_chem_comp.name
_chem_comp.formula
ACT non-polymer 'ACETATE ION' 'C2 H3 O2 -1'
EDO non-polymer 1,2-ETHANEDIOL 'C2 H6 O2'
MG non-polymer 'MAGNESIUM ION' 'Mg 2'
PRP D-saccharide 1-O-pyrophosphono-5-O-phosphono-alpha-D-ribofuranose 'C5 H13 O14 P3'
ZN non-polymer 'ZINC ION' 'Zn 2'
#
# COMPACT_ATOMS: atom_id res chain seq x y z
N ASN A 5 -22.01 12.32 -15.76
CA ASN A 5 -22.25 10.94 -15.28
C ASN A 5 -23.17 10.93 -14.06
N THR A 6 -24.26 10.19 -14.19
CA THR A 6 -25.31 10.03 -13.21
C THR A 6 -25.29 8.67 -12.53
N ARG A 7 -24.28 7.86 -12.83
CA ARG A 7 -24.26 6.47 -12.40
C ARG A 7 -23.70 6.41 -10.99
N LEU A 8 -24.35 5.62 -10.13
CA LEU A 8 -23.89 5.36 -8.77
C LEU A 8 -22.61 4.52 -8.78
N ARG A 9 -21.64 4.90 -7.95
CA ARG A 9 -20.35 4.22 -7.94
C ARG A 9 -20.20 3.39 -6.67
N ILE A 10 -20.04 2.09 -6.83
CA ILE A 10 -19.84 1.15 -5.74
C ILE A 10 -18.45 0.54 -5.88
N ALA A 11 -17.63 0.65 -4.82
CA ALA A 11 -16.25 0.12 -4.83
C ALA A 11 -16.27 -1.19 -4.10
N ILE A 12 -15.69 -2.22 -4.70
CA ILE A 12 -15.57 -3.52 -4.03
C ILE A 12 -14.14 -4.04 -4.26
N GLN A 13 -13.75 -5.03 -3.46
CA GLN A 13 -12.44 -5.59 -3.61
C GLN A 13 -12.28 -6.29 -4.96
N LYS A 14 -11.22 -5.96 -5.71
CA LYS A 14 -10.95 -6.59 -6.99
C LYS A 14 -10.74 -8.11 -6.85
N SER A 15 -9.85 -8.52 -5.96
CA SER A 15 -9.66 -9.96 -5.71
C SER A 15 -9.11 -10.18 -4.34
N GLY A 16 -9.68 -11.16 -3.66
CA GLY A 16 -9.38 -11.39 -2.26
C GLY A 16 -10.61 -11.90 -1.56
N ARG A 17 -10.53 -11.85 -0.22
CA ARG A 17 -11.52 -12.40 0.71
C ARG A 17 -12.98 -11.96 0.48
N LEU A 18 -13.17 -10.72 0.08
CA LEU A 18 -14.50 -10.15 0.02
C LEU A 18 -15.05 -10.10 -1.38
N SER A 19 -14.21 -10.38 -2.37
CA SER A 19 -14.64 -10.20 -3.75
C SER A 19 -15.87 -11.01 -4.14
N LYS A 20 -15.80 -12.32 -3.96
CA LYS A 20 -16.90 -13.21 -4.37
C LYS A 20 -18.22 -12.81 -3.69
N GLU A 21 -18.16 -12.69 -2.37
CA GLU A 21 -19.34 -12.44 -1.60
C GLU A 21 -19.91 -11.07 -1.86
N SER A 22 -19.07 -10.10 -2.23
CA SER A 22 -19.53 -8.75 -2.52
C SER A 22 -20.32 -8.77 -3.83
N ILE A 23 -19.80 -9.47 -4.83
CA ILE A 23 -20.45 -9.61 -6.11
C ILE A 23 -21.80 -10.32 -5.95
N GLU A 24 -21.83 -11.41 -5.18
CA GLU A 24 -23.07 -12.16 -4.91
C GLU A 24 -24.12 -11.33 -4.15
N LEU A 25 -23.69 -10.54 -3.16
CA LEU A 25 -24.63 -9.63 -2.53
C LEU A 25 -25.25 -8.69 -3.56
N LEU A 26 -24.43 -8.09 -4.42
CA LEU A 26 -24.95 -7.19 -5.40
C LEU A 26 -25.96 -7.88 -6.31
N SER A 27 -25.66 -9.08 -6.80
CA SER A 27 -26.59 -9.73 -7.73
C SER A 27 -27.88 -10.12 -6.99
N GLU A 28 -27.75 -10.51 -5.73
CA GLU A 28 -28.91 -10.81 -4.90
C GLU A 28 -29.77 -9.58 -4.68
N CYS A 29 -29.16 -8.40 -4.77
CA CYS A 29 -29.90 -7.14 -4.69
C CYS A 29 -30.36 -6.66 -6.05
N GLY A 30 -30.34 -7.54 -7.05
CA GLY A 30 -30.88 -7.21 -8.36
C GLY A 30 -29.94 -6.42 -9.26
N VAL A 31 -28.67 -6.34 -8.87
CA VAL A 31 -27.69 -5.65 -9.69
C VAL A 31 -27.03 -6.68 -10.61
N LYS A 32 -27.29 -6.57 -11.91
CA LYS A 32 -26.70 -7.46 -12.90
C LYS A 32 -25.47 -6.79 -13.50
N MET A 33 -24.44 -7.58 -13.76
CA MET A 33 -23.17 -7.08 -14.26
C MET A 33 -22.37 -8.28 -14.66
N HIS A 34 -21.37 -8.07 -15.51
CA HIS A 34 -20.40 -9.11 -15.82
C HIS A 34 -19.08 -8.76 -15.15
N ILE A 35 -18.56 -9.65 -14.33
CA ILE A 35 -17.21 -9.50 -13.80
C ILE A 35 -16.29 -10.44 -14.56
N HIS A 36 -15.42 -9.90 -15.38
CA HIS A 36 -14.31 -10.71 -15.90
C HIS A 36 -13.09 -9.93 -16.27
N GLU A 37 -12.18 -9.77 -15.34
CA GLU A 37 -10.85 -9.15 -15.63
C GLU A 37 -10.84 -7.68 -15.82
N GLN A 38 -11.99 -6.99 -15.82
CA GLN A 38 -11.91 -5.54 -15.97
C GLN A 38 -10.93 -5.01 -14.95
N SER A 39 -10.04 -4.14 -15.39
CA SER A 39 -8.97 -3.65 -14.53
C SER A 39 -9.48 -2.77 -13.37
N LEU A 40 -10.58 -2.05 -13.59
CA LEU A 40 -11.06 -1.07 -12.66
C LEU A 40 -12.60 -0.96 -12.67
N ILE A 41 -13.22 -0.85 -13.85
CA ILE A 41 -14.66 -0.55 -13.93
C ILE A 41 -15.46 -1.63 -14.65
N ALA A 42 -16.48 -2.14 -13.95
CA ALA A 42 -17.49 -3.01 -14.52
C ALA A 42 -18.79 -2.19 -14.54
N PHE A 43 -19.69 -2.49 -15.48
CA PHE A 43 -20.89 -1.66 -15.71
C PHE A 43 -22.15 -2.48 -15.54
N SER A 44 -23.01 -2.12 -14.60
CA SER A 44 -24.29 -2.82 -14.47
C SER A 44 -25.04 -2.66 -15.78
N THR A 45 -25.61 -3.77 -16.24
CA THR A 45 -26.29 -3.83 -17.50
C THR A 45 -27.78 -3.46 -17.34
N ASN A 46 -28.30 -3.52 -16.10
CA ASN A 46 -29.73 -3.22 -15.83
C ASN A 46 -30.00 -2.00 -14.95
N LEU A 47 -28.97 -1.40 -14.37
CA LEU A 47 -29.11 -0.24 -13.49
C LEU A 47 -27.97 0.75 -13.69
N PRO A 48 -28.20 2.02 -13.39
CA PRO A 48 -27.18 3.04 -13.61
C PRO A 48 -26.19 3.00 -12.47
N ILE A 49 -25.37 1.94 -12.46
CA ILE A 49 -24.43 1.64 -11.37
C ILE A 49 -23.11 1.18 -11.97
N ASP A 50 -22.01 1.73 -11.47
CA ASP A 50 -20.66 1.33 -11.85
C ASP A 50 -20.05 0.65 -10.64
N ILE A 51 -19.47 -0.51 -10.89
CA ILE A 51 -18.75 -1.27 -9.87
C ILE A 51 -17.25 -1.07 -10.12
N LEU A 52 -16.57 -0.48 -9.15
CA LEU A 52 -15.15 -0.19 -9.25
C LEU A 52 -14.45 -1.26 -8.44
N ARG A 53 -13.61 -2.02 -9.13
CA ARG A 53 -12.95 -3.17 -8.54
C ARG A 53 -11.56 -2.67 -8.16
N VAL A 54 -11.30 -2.55 -6.87
CA VAL A 54 -10.06 -1.93 -6.44
C VAL A 54 -9.40 -2.73 -5.33
N ARG A 55 -8.19 -2.34 -4.99
CA ARG A 55 -7.50 -2.96 -3.87
C ARG A 55 -8.27 -2.59 -2.63
N ASP A 56 -8.47 -3.52 -1.73
CA ASP A 56 -9.33 -3.25 -0.61
C ASP A 56 -8.86 -2.05 0.26
N ASP A 57 -7.55 -1.90 0.37
N ASP A 57 -7.55 -1.91 0.38
CA ASP A 57 -6.93 -0.87 1.18
CA ASP A 57 -6.96 -0.89 1.19
C ASP A 57 -7.25 0.52 0.67
C ASP A 57 -7.25 0.51 0.68
N ASP A 58 -7.64 0.63 -0.59
CA ASP A 58 -8.03 1.91 -1.16
C ASP A 58 -9.50 2.33 -0.90
N ILE A 59 -10.36 1.40 -0.51
CA ILE A 59 -11.81 1.65 -0.45
C ILE A 59 -12.16 2.68 0.64
N PRO A 60 -11.62 2.52 1.85
CA PRO A 60 -11.92 3.58 2.83
C PRO A 60 -11.63 4.97 2.31
N GLY A 61 -10.46 5.17 1.72
CA GLY A 61 -10.07 6.46 1.19
C GLY A 61 -10.98 7.01 0.11
N LEU A 62 -11.41 6.13 -0.80
CA LEU A 62 -12.29 6.54 -1.87
C LEU A 62 -13.62 7.10 -1.30
N ILE A 63 -14.10 6.47 -0.23
CA ILE A 63 -15.30 6.90 0.43
C ILE A 63 -15.08 8.19 1.23
N PHE A 64 -14.02 8.25 2.05
CA PHE A 64 -13.66 9.47 2.81
C PHE A 64 -13.49 10.65 1.86
N ASP A 65 -12.90 10.41 0.71
CA ASP A 65 -12.62 11.47 -0.23
C ASP A 65 -13.78 11.73 -1.17
N GLY A 66 -14.87 10.97 -1.01
CA GLY A 66 -16.09 11.18 -1.80
C GLY A 66 -15.91 10.82 -3.28
N VAL A 67 -14.89 10.01 -3.59
CA VAL A 67 -14.63 9.59 -4.98
C VAL A 67 -15.71 8.60 -5.46
N VAL A 68 -16.18 7.75 -4.57
CA VAL A 68 -17.23 6.80 -4.90
C VAL A 68 -18.35 7.02 -3.89
N ASP A 69 -19.50 6.40 -4.16
CA ASP A 69 -20.67 6.63 -3.38
C ASP A 69 -20.83 5.58 -2.30
N LEU A 70 -20.69 4.33 -2.69
CA LEU A 70 -20.76 3.20 -1.76
C LEU A 70 -19.48 2.34 -1.83
N GLY A 71 -19.21 1.64 -0.73
CA GLY A 71 -18.12 0.68 -0.70
C GLY A 71 -18.48 -0.47 0.20
N ILE A 72 -18.01 -1.66 -0.16
CA ILE A 72 -18.06 -2.82 0.69
C ILE A 72 -16.63 -3.11 1.18
N ILE A 73 -16.42 -3.15 2.49
CA ILE A 73 -15.04 -3.22 3.02
C ILE A 73 -15.06 -3.85 4.38
N GLY A 74 -13.96 -4.52 4.75
CA GLY A 74 -13.83 -5.07 6.09
C GLY A 74 -13.67 -3.94 7.11
N GLU A 75 -14.26 -4.12 8.29
CA GLU A 75 -14.09 -3.17 9.39
C GLU A 75 -12.62 -2.87 9.72
N ASN A 76 -11.80 -3.92 9.74
CA ASN A 76 -10.36 -3.80 10.02
C ASN A 76 -9.69 -2.82 9.08
N VAL A 77 -9.91 -2.99 7.77
CA VAL A 77 -9.29 -2.15 6.76
C VAL A 77 -9.82 -0.73 6.86
N LEU A 78 -11.12 -0.60 7.11
CA LEU A 78 -11.75 0.68 7.27
C LEU A 78 -11.16 1.45 8.46
N GLU A 79 -11.09 0.77 9.59
CA GLU A 79 -10.57 1.37 10.83
C GLU A 79 -9.05 1.73 10.74
N GLU A 80 -8.26 0.84 10.16
CA GLU A 80 -6.82 1.10 9.95
C GLU A 80 -6.63 2.41 9.19
N ASN A 81 -7.34 2.56 8.08
CA ASN A 81 -7.20 3.77 7.29
C ASN A 81 -7.84 5.01 7.87
N GLU A 82 -8.91 4.81 8.63
CA GLU A 82 -9.51 5.92 9.38
C GLU A 82 -8.49 6.46 10.41
N LEU A 83 -7.82 5.56 11.11
CA LEU A 83 -6.79 5.95 12.10
C LEU A 83 -5.62 6.66 11.44
N GLU A 84 -5.21 6.18 10.27
CA GLU A 84 -4.12 6.83 9.56
C GLU A 84 -4.51 8.24 9.18
N ARG A 85 -5.71 8.39 8.64
CA ARG A 85 -6.21 9.71 8.23
C ARG A 85 -6.30 10.65 9.43
N GLN A 86 -6.84 10.14 10.53
CA GLN A 86 -6.96 10.98 11.73
C GLN A 86 -5.58 11.39 12.23
N SER A 87 -4.60 10.47 12.19
CA SER A 87 -3.24 10.80 12.61
C SER A 87 -2.59 11.83 11.70
N LEU A 88 -3.02 11.96 10.45
CA LEU A 88 -2.51 13.05 9.62
C LEU A 88 -3.16 14.38 9.90
N GLY A 89 -4.05 14.43 10.89
CA GLY A 89 -4.79 15.68 11.19
C GLY A 89 -6.02 15.87 10.29
N GLU A 90 -6.53 14.80 9.69
CA GLU A 90 -7.73 14.91 8.85
C GLU A 90 -8.94 14.46 9.64
N ASN A 91 -10.12 14.65 9.03
CA ASN A 91 -11.37 14.24 9.65
C ASN A 91 -12.10 13.30 8.69
N PRO A 92 -11.59 12.07 8.52
CA PRO A 92 -12.32 11.09 7.71
C PRO A 92 -13.75 10.84 8.25
N SER A 93 -14.73 10.83 7.35
CA SER A 93 -16.13 10.61 7.71
C SER A 93 -16.82 9.72 6.67
N TYR A 94 -17.77 8.93 7.13
CA TYR A 94 -18.54 8.06 6.27
C TYR A 94 -19.83 7.72 6.99
N LYS A 95 -20.81 7.25 6.22
CA LYS A 95 -22.03 6.68 6.78
C LYS A 95 -21.90 5.17 6.78
N LEU A 96 -22.20 4.55 7.92
CA LEU A 96 -22.30 3.11 7.97
C LEU A 96 -23.72 2.72 7.60
N LEU A 97 -23.92 2.09 6.46
CA LEU A 97 -25.25 1.63 6.06
C LEU A 97 -25.62 0.28 6.67
N LYS A 98 -24.70 -0.65 6.73
CA LYS A 98 -25.06 -2.02 7.10
C LYS A 98 -23.83 -2.85 7.43
N LYS A 99 -23.88 -3.56 8.55
CA LYS A 99 -22.87 -4.57 8.84
C LYS A 99 -23.30 -5.85 8.16
N LEU A 100 -22.40 -6.48 7.42
CA LEU A 100 -22.80 -7.60 6.56
C LEU A 100 -22.47 -8.92 7.21
N ASP A 101 -23.01 -10.01 6.67
CA ASP A 101 -22.84 -11.32 7.27
C ASP A 101 -21.80 -12.15 6.54
N PHE A 102 -20.74 -11.51 6.07
CA PHE A 102 -19.58 -12.23 5.55
C PHE A 102 -18.31 -11.45 5.88
N GLY A 103 -17.16 -12.00 5.52
CA GLY A 103 -15.88 -11.39 5.78
C GLY A 103 -15.46 -11.47 7.23
N TYR A 104 -15.94 -12.48 7.94
CA TYR A 104 -15.60 -12.67 9.32
C TYR A 104 -14.13 -13.06 9.50
N CYS A 105 -13.41 -12.31 10.31
CA CYS A 105 -12.00 -12.60 10.61
C CYS A 105 -11.60 -11.82 11.85
N ARG A 106 -10.42 -12.11 12.36
CA ARG A 106 -9.93 -11.39 13.51
C ARG A 106 -8.45 -11.07 13.36
N LEU A 107 -8.05 -9.94 13.93
CA LEU A 107 -6.68 -9.47 13.90
C LEU A 107 -6.14 -9.86 15.26
N SER A 108 -5.07 -10.65 15.23
CA SER A 108 -4.52 -11.25 16.41
C SER A 108 -3.01 -11.20 16.47
N LEU A 109 -2.51 -11.19 17.69
CA LEU A 109 -1.09 -11.31 17.95
C LEU A 109 -0.72 -12.79 17.93
N ALA A 110 0.40 -13.08 17.29
CA ALA A 110 0.86 -14.48 17.18
C ALA A 110 2.36 -14.57 17.41
N LEU A 111 2.78 -15.72 17.97
CA LEU A 111 4.16 -16.01 18.33
C LEU A 111 4.60 -17.35 17.76
N PRO A 112 5.91 -17.57 17.67
CA PRO A 112 6.34 -18.91 17.25
C PRO A 112 5.77 -19.97 18.17
N GLN A 113 5.35 -21.09 17.60
CA GLN A 113 4.73 -22.16 18.37
C GLN A 113 5.51 -22.55 19.63
N GLU A 114 6.83 -22.51 19.55
CA GLU A 114 7.68 -22.94 20.66
C GLU A 114 7.86 -21.88 21.75
N ASN A 115 7.41 -20.65 21.53
CA ASN A 115 7.56 -19.59 22.54
C ASN A 115 6.64 -19.75 23.74
N LYS A 116 7.18 -19.49 24.92
CA LYS A 116 6.38 -19.45 26.15
C LYS A 116 5.63 -18.13 26.19
N PHE A 117 4.32 -18.23 26.39
CA PHE A 117 3.45 -17.06 26.52
C PHE A 117 2.60 -17.17 27.78
N GLN A 118 2.88 -16.32 28.76
CA GLN A 118 2.08 -16.23 29.97
C GLN A 118 1.08 -15.09 29.86
N ASN A 119 1.55 -13.95 29.34
CA ASN A 119 0.86 -12.65 29.45
C ASN A 119 1.16 -11.72 28.28
N LEU A 120 0.31 -10.74 28.06
CA LEU A 120 0.56 -9.72 27.06
C LEU A 120 1.89 -9.02 27.28
N LYS A 121 2.27 -8.87 28.56
CA LYS A 121 3.57 -8.33 28.95
C LYS A 121 4.72 -9.02 28.19
N ASP A 122 4.54 -10.28 27.83
CA ASP A 122 5.54 -10.99 27.02
C ASP A 122 5.78 -10.38 25.64
N PHE A 123 4.99 -9.39 25.25
CA PHE A 123 5.24 -8.70 23.99
C PHE A 123 6.10 -7.46 24.15
N GLU A 124 6.45 -7.14 25.40
CA GLU A 124 7.27 -6.00 25.72
C GLU A 124 8.61 -6.09 25.03
N GLY A 125 8.98 -5.03 24.32
CA GLY A 125 10.27 -4.95 23.64
C GLY A 125 10.31 -5.65 22.30
N LEU A 126 9.35 -6.54 22.04
CA LEU A 126 9.41 -7.36 20.82
C LEU A 126 9.21 -6.57 19.54
N ARG A 127 9.87 -7.04 18.49
CA ARG A 127 9.62 -6.55 17.15
C ARG A 127 8.37 -7.27 16.63
N ILE A 128 7.39 -6.51 16.14
CA ILE A 128 6.12 -7.10 15.72
C ILE A 128 5.78 -6.71 14.28
N ALA A 129 5.72 -7.71 13.43
CA ALA A 129 5.40 -7.53 12.01
C ALA A 129 3.87 -7.49 11.78
N THR A 130 3.41 -6.55 10.96
CA THR A 130 1.99 -6.40 10.67
C THR A 130 1.78 -5.57 9.41
N SER A 131 0.64 -5.79 8.77
CA SER A 131 0.10 -4.90 7.75
C SER A 131 -0.88 -3.86 8.35
N TYR A 132 -1.15 -3.92 9.64
CA TYR A 132 -2.12 -2.98 10.30
C TYR A 132 -1.43 -2.23 11.41
N PRO A 133 -0.47 -1.36 11.06
CA PRO A 133 0.30 -0.72 12.12
C PRO A 133 -0.50 0.21 13.02
N GLN A 134 -1.50 0.91 12.50
CA GLN A 134 -2.29 1.82 13.35
C GLN A 134 -3.13 1.06 14.36
N LEU A 135 -3.76 -0.02 13.91
CA LEU A 135 -4.56 -0.85 14.82
C LEU A 135 -3.66 -1.46 15.91
N LEU A 136 -2.49 -1.96 15.51
CA LEU A 136 -1.57 -2.54 16.46
C LEU A 136 -1.12 -1.48 17.47
N LYS A 137 -0.70 -0.33 16.97
CA LYS A 137 -0.24 0.75 17.78
C LYS A 137 -1.29 1.19 18.84
N ARG A 138 -2.52 1.41 18.41
CA ARG A 138 -3.58 1.80 19.35
C ARG A 138 -3.78 0.73 20.40
N PHE A 139 -3.82 -0.53 19.99
CA PHE A 139 -4.01 -1.61 20.96
C PHE A 139 -2.87 -1.66 21.97
N MET A 140 -1.63 -1.55 21.50
CA MET A 140 -0.50 -1.72 22.42
C MET A 140 -0.48 -0.55 23.40
N LYS A 141 -0.81 0.64 22.92
CA LYS A 141 -0.80 1.83 23.75
C LYS A 141 -1.88 1.72 24.84
N GLU A 142 -3.08 1.32 24.45
CA GLU A 142 -4.15 1.09 25.39
C GLU A 142 -3.86 0.08 26.46
N ASN A 143 -2.96 -0.86 26.18
CA ASN A 143 -2.63 -1.88 27.15
C ASN A 143 -1.26 -1.68 27.77
N GLY A 144 -0.67 -0.51 27.54
CA GLY A 144 0.61 -0.14 28.15
C GLY A 144 1.76 -1.06 27.81
N ILE A 145 1.89 -1.46 26.55
CA ILE A 145 2.99 -2.36 26.14
C ILE A 145 3.84 -1.73 25.05
N ASN A 146 5.15 -1.63 25.29
CA ASN A 146 6.07 -1.06 24.30
C ASN A 146 6.52 -2.15 23.35
N TYR A 147 6.74 -1.80 22.09
CA TYR A 147 7.19 -2.76 21.10
C TYR A 147 7.85 -1.98 19.98
N LYS A 148 8.41 -2.73 19.03
CA LYS A 148 9.05 -2.19 17.83
C LYS A 148 8.24 -2.62 16.61
N ASN A 149 7.98 -1.67 15.73
CA ASN A 149 7.14 -1.92 14.61
C ASN A 149 7.88 -2.49 13.43
N CYS A 150 7.20 -3.33 12.69
CA CYS A 150 7.67 -3.78 11.37
C CYS A 150 6.47 -3.82 10.45
N THR A 151 6.36 -2.86 9.54
CA THR A 151 5.21 -2.85 8.60
C THR A 151 5.54 -3.58 7.29
N LEU A 152 4.84 -4.69 7.05
CA LEU A 152 4.89 -5.42 5.78
C LEU A 152 3.46 -5.55 5.21
N THR A 153 3.32 -5.37 3.88
CA THR A 153 2.04 -5.47 3.19
C THR A 153 1.69 -6.90 2.89
N GLY A 154 2.70 -7.75 2.74
CA GLY A 154 2.47 -9.18 2.51
C GLY A 154 3.51 -10.07 3.17
N SER A 155 3.22 -11.36 3.22
CA SER A 155 4.11 -12.39 3.78
C SER A 155 4.51 -12.09 5.23
N VAL A 156 3.59 -11.48 5.97
CA VAL A 156 3.77 -11.12 7.37
C VAL A 156 4.17 -12.34 8.19
N GLU A 157 3.52 -13.46 7.92
CA GLU A 157 3.71 -14.69 8.68
C GLU A 157 5.14 -15.30 8.49
N VAL A 158 5.89 -14.87 7.49
CA VAL A 158 7.28 -15.30 7.23
C VAL A 158 8.30 -14.44 8.03
N ALA A 159 7.84 -13.30 8.56
CA ALA A 159 8.74 -12.36 9.18
C ALA A 159 9.56 -12.93 10.35
N PRO A 160 8.92 -13.68 11.26
CA PRO A 160 9.72 -14.33 12.28
C PRO A 160 10.81 -15.28 11.67
N ARG A 161 10.46 -16.11 10.70
CA ARG A 161 11.43 -17.04 10.11
C ARG A 161 12.55 -16.31 9.36
N ALA A 162 12.21 -15.19 8.75
CA ALA A 162 13.17 -14.35 8.06
C ALA A 162 14.00 -13.52 9.03
N ASN A 163 13.79 -13.68 10.34
CA ASN A 163 14.41 -12.86 11.37
C ASN A 163 14.19 -11.37 11.17
N LEU A 164 13.00 -10.99 10.68
CA LEU A 164 12.60 -9.58 10.68
C LEU A 164 11.81 -9.20 11.91
N ALA A 165 11.23 -10.19 12.58
CA ALA A 165 10.36 -9.88 13.72
C ALA A 165 10.34 -11.02 14.70
N ASP A 166 9.91 -10.74 15.92
CA ASP A 166 9.77 -11.79 16.93
C ASP A 166 8.34 -12.32 16.97
N ALA A 167 7.42 -11.58 16.39
CA ALA A 167 6.02 -11.88 16.55
C ALA A 167 5.30 -11.21 15.40
N ILE A 168 4.02 -11.50 15.25
CA ILE A 168 3.24 -10.84 14.22
C ILE A 168 1.89 -10.41 14.74
N CYS A 169 1.28 -9.47 14.03
CA CYS A 169 -0.13 -9.12 14.27
C CYS A 169 -0.83 -9.24 12.92
N ASP A 170 -1.70 -10.22 12.76
CA ASP A 170 -2.26 -10.51 11.41
C ASP A 170 -3.69 -11.02 11.44
N LEU A 171 -4.39 -10.93 10.31
CA LEU A 171 -5.74 -11.50 10.20
C LEU A 171 -5.70 -13.00 10.23
N VAL A 172 -6.65 -13.59 10.94
CA VAL A 172 -6.81 -15.03 11.01
C VAL A 172 -8.30 -15.35 10.72
N SER A 173 -8.59 -16.33 9.87
CA SER A 173 -9.97 -16.91 9.74
C SER A 173 -9.97 -18.37 10.13
N SER A 174 -9.41 -19.21 9.27
CA SER A 174 -9.37 -20.66 9.53
C SER A 174 -8.28 -21.01 10.51
N GLY A 175 -7.24 -20.18 10.57
CA GLY A 175 -6.05 -20.51 11.33
C GLY A 175 -5.01 -21.30 10.53
N ALA A 176 -5.30 -21.61 9.26
CA ALA A 176 -4.42 -22.46 8.44
C ALA A 176 -3.06 -21.83 8.13
N THR A 177 -3.04 -20.53 7.90
CA THR A 177 -1.82 -19.83 7.57
C THR A 177 -0.87 -19.77 8.78
N LEU A 178 -1.42 -19.55 9.98
CA LEU A 178 -0.60 -19.57 11.20
C LEU A 178 -0.04 -20.96 11.41
N GLN A 179 -0.89 -21.98 11.24
CA GLN A 179 -0.43 -23.37 11.36
C GLN A 179 0.68 -23.69 10.35
N ALA A 180 0.51 -23.26 9.12
CA ALA A 180 1.49 -23.51 8.07
C ALA A 180 2.85 -22.88 8.39
N ASN A 181 2.83 -21.75 9.09
CA ASN A 181 4.06 -21.06 9.44
C ASN A 181 4.54 -21.34 10.87
N ASN A 182 3.98 -22.38 11.48
CA ASN A 182 4.32 -22.79 12.84
C ASN A 182 4.22 -21.66 13.85
N LEU A 183 3.17 -20.87 13.72
CA LEU A 183 2.89 -19.77 14.65
C LEU A 183 1.65 -20.10 15.42
N LYS A 184 1.47 -19.48 16.58
CA LYS A 184 0.25 -19.69 17.37
C LYS A 184 -0.39 -18.37 17.77
N GLU A 185 -1.71 -18.36 17.65
CA GLU A 185 -2.55 -17.22 17.97
C GLU A 185 -2.62 -17.13 19.48
N VAL A 186 -2.14 -16.03 20.04
CA VAL A 186 -2.24 -15.84 21.50
C VAL A 186 -3.17 -14.72 21.97
N LYS A 187 -3.51 -13.74 21.15
CA LYS A 187 -4.39 -12.63 21.65
C LYS A 187 -5.13 -11.93 20.53
N VAL A 188 -6.46 -11.98 20.57
CA VAL A 188 -7.28 -11.32 19.55
C VAL A 188 -7.35 -9.84 19.92
N ILE A 189 -6.98 -8.96 19.00
CA ILE A 189 -7.08 -7.55 19.27
C ILE A 189 -8.21 -6.83 18.54
N TYR A 190 -8.88 -7.47 17.58
CA TYR A 190 -9.90 -6.81 16.80
C TYR A 190 -10.73 -7.87 16.07
N GLU A 191 -12.04 -7.73 16.08
CA GLU A 191 -12.90 -8.62 15.37
C GLU A 191 -13.53 -7.84 14.25
N SER A 192 -13.60 -8.48 13.08
CA SER A 192 -14.02 -7.79 11.88
C SER A 192 -15.05 -8.57 11.07
N ARG A 193 -15.80 -7.83 10.28
CA ARG A 193 -16.71 -8.40 9.30
C ARG A 193 -16.84 -7.33 8.22
N ALA A 194 -17.30 -7.71 7.03
CA ALA A 194 -17.56 -6.71 5.99
C ALA A 194 -18.70 -5.75 6.34
N CYS A 195 -18.66 -4.54 5.80
N CYS A 195 -18.66 -4.55 5.80
CA CYS A 195 -19.74 -3.57 5.95
CA CYS A 195 -19.74 -3.60 5.99
C CYS A 195 -19.94 -2.83 4.66
C CYS A 195 -19.92 -2.80 4.70
N LEU A 196 -21.13 -2.26 4.52
CA LEU A 196 -21.47 -1.40 3.39
C LEU A 196 -21.50 0.03 3.92
N ILE A 197 -20.74 0.90 3.27
CA ILE A 197 -20.62 2.27 3.73
C ILE A 197 -20.89 3.18 2.59
N GLN A 198 -21.15 4.44 2.95
CA GLN A 198 -21.46 5.45 1.96
C GLN A 198 -20.64 6.68 2.25
N LYS A 199 -20.35 7.48 1.23
CA LYS A 199 -19.66 8.73 1.47
C LYS A 199 -20.53 9.68 2.31
N GLU A 200 -19.90 10.72 2.85
CA GLU A 200 -20.54 11.61 3.82
C GLU A 200 -21.49 12.60 3.17
N ASN A 201 -21.08 13.17 2.06
CA ASN A 201 -21.82 14.24 1.45
C ASN A 201 -23.04 13.71 0.72
N ALA A 202 -24.13 14.47 0.84
CA ALA A 202 -25.43 14.04 0.37
C ALA A 202 -25.36 13.69 -1.12
N LEU A 203 -26.02 12.59 -1.47
CA LEU A 203 -26.14 12.21 -2.89
C LEU A 203 -27.26 13.01 -3.53
N SER A 204 -27.20 13.16 -4.85
CA SER A 204 -28.33 13.63 -5.62
C SER A 204 -29.55 12.77 -5.24
N LYS A 205 -30.74 13.34 -5.46
CA LYS A 205 -32.02 12.70 -5.15
C LYS A 205 -32.13 11.37 -5.85
N GLU A 206 -31.81 11.36 -7.15
CA GLU A 206 -31.81 10.15 -7.97
C GLU A 206 -30.90 9.10 -7.34
N LYS A 207 -29.68 9.49 -7.03
CA LYS A 207 -28.74 8.50 -6.49
C LYS A 207 -29.18 7.99 -5.12
N GLN A 208 -29.62 8.88 -4.24
CA GLN A 208 -30.07 8.46 -2.91
C GLN A 208 -31.27 7.53 -3.01
N ALA A 209 -32.18 7.81 -3.94
CA ALA A 209 -33.33 6.94 -4.17
C ALA A 209 -32.87 5.54 -4.58
N LEU A 210 -31.89 5.45 -5.47
CA LEU A 210 -31.35 4.14 -5.85
C LEU A 210 -30.66 3.43 -4.67
N VAL A 211 -29.93 4.20 -3.86
CA VAL A 211 -29.31 3.63 -2.68
C VAL A 211 -30.38 3.09 -1.72
N ASP A 212 -31.43 3.87 -1.45
CA ASP A 212 -32.53 3.42 -0.58
C ASP A 212 -33.19 2.16 -1.11
N LYS A 213 -33.36 2.08 -2.42
CA LYS A 213 -33.87 0.88 -3.07
C LYS A 213 -32.93 -0.29 -2.80
N ILE A 214 -31.64 -0.10 -3.02
CA ILE A 214 -30.65 -1.16 -2.79
C ILE A 214 -30.62 -1.64 -1.34
N MET A 215 -30.65 -0.68 -0.41
CA MET A 215 -30.68 -0.97 1.02
C MET A 215 -31.89 -1.79 1.44
N LEU A 216 -33.08 -1.46 0.89
CA LEU A 216 -34.29 -2.27 1.12
C LEU A 216 -33.96 -3.68 0.70
N ARG A 217 -33.38 -3.80 -0.49
CA ARG A 217 -33.02 -5.10 -1.05
C ARG A 217 -32.00 -5.78 -0.14
N VAL A 218 -30.99 -5.05 0.32
CA VAL A 218 -29.98 -5.62 1.22
C VAL A 218 -30.67 -6.09 2.47
N ALA A 219 -31.47 -5.22 3.07
CA ALA A 219 -32.23 -5.57 4.27
C ALA A 219 -33.10 -6.78 3.96
N GLY A 220 -33.86 -6.70 2.88
CA GLY A 220 -34.69 -7.82 2.43
C GLY A 220 -33.85 -9.08 2.24
N VAL A 221 -32.76 -8.96 1.48
CA VAL A 221 -31.87 -10.08 1.15
C VAL A 221 -31.27 -10.69 2.40
N MET A 222 -31.04 -9.85 3.41
CA MET A 222 -30.59 -10.31 4.73
C MET A 222 -31.77 -10.92 5.45
N ASN B 5 21.22 -10.46 14.90
CA ASN B 5 21.67 -11.03 13.60
C ASN B 5 23.03 -10.45 13.23
N THR B 6 23.99 -11.32 12.98
CA THR B 6 25.29 -10.89 12.50
C THR B 6 25.24 -10.53 10.99
N ARG B 7 24.17 -10.99 10.32
CA ARG B 7 24.05 -10.84 8.87
C ARG B 7 23.48 -9.48 8.55
N LEU B 8 24.10 -8.82 7.58
CA LEU B 8 23.60 -7.59 7.03
C LEU B 8 22.26 -7.84 6.28
N ARG B 9 21.26 -6.99 6.51
CA ARG B 9 19.95 -7.16 5.87
C ARG B 9 19.76 -6.09 4.82
N ILE B 10 19.54 -6.53 3.58
CA ILE B 10 19.27 -5.63 2.44
C ILE B 10 17.86 -5.94 1.90
N ALA B 11 17.02 -4.90 1.76
CA ALA B 11 15.65 -5.06 1.28
C ALA B 11 15.65 -4.60 -0.14
N ILE B 12 15.03 -5.40 -1.01
CA ILE B 12 14.92 -5.02 -2.42
C ILE B 12 13.50 -5.40 -2.90
N GLN B 13 13.06 -4.80 -3.98
CA GLN B 13 11.72 -5.08 -4.49
C GLN B 13 11.60 -6.55 -4.90
N LYS B 14 10.55 -7.25 -4.44
CA LYS B 14 10.34 -8.63 -4.87
C LYS B 14 10.13 -8.78 -6.41
N SER B 15 9.20 -8.01 -6.97
CA SER B 15 8.98 -7.99 -8.42
C SER B 15 8.36 -6.70 -8.85
N GLY B 16 8.88 -6.16 -9.94
CA GLY B 16 8.50 -4.86 -10.44
C GLY B 16 9.67 -4.22 -11.17
N ARG B 17 9.57 -2.91 -11.35
CA ARG B 17 10.55 -2.07 -12.06
C ARG B 17 12.00 -2.26 -11.63
N LEU B 18 12.24 -2.48 -10.35
CA LEU B 18 13.59 -2.42 -9.79
C LEU B 18 14.13 -3.77 -9.42
N SER B 19 13.29 -4.81 -9.49
CA SER B 19 13.62 -6.10 -8.92
C SER B 19 14.81 -6.69 -9.64
N LYS B 20 14.68 -6.81 -10.95
CA LYS B 20 15.76 -7.40 -11.74
C LYS B 20 17.05 -6.60 -11.57
N GLU B 21 16.96 -5.31 -11.80
CA GLU B 21 18.15 -4.48 -11.73
C GLU B 21 18.81 -4.39 -10.33
N SER B 22 18.03 -4.60 -9.27
CA SER B 22 18.58 -4.59 -7.91
C SER B 22 19.37 -5.87 -7.64
N ILE B 23 18.82 -7.00 -8.06
CA ILE B 23 19.49 -8.30 -7.99
C ILE B 23 20.78 -8.28 -8.82
N GLU B 24 20.70 -7.72 -10.02
CA GLU B 24 21.87 -7.59 -10.89
C GLU B 24 22.96 -6.68 -10.33
N LEU B 25 22.58 -5.55 -9.75
CA LEU B 25 23.59 -4.73 -9.07
C LEU B 25 24.32 -5.57 -8.02
N LEU B 26 23.57 -6.30 -7.20
CA LEU B 26 24.19 -7.07 -6.16
C LEU B 26 25.17 -8.11 -6.77
N SER B 27 24.76 -8.85 -7.80
CA SER B 27 25.66 -9.87 -8.36
C SER B 27 26.86 -9.18 -9.04
N GLU B 28 26.61 -8.04 -9.69
CA GLU B 28 27.67 -7.27 -10.31
C GLU B 28 28.68 -6.78 -9.28
N CYS B 29 28.23 -6.63 -8.04
CA CYS B 29 29.10 -6.25 -6.94
C CYS B 29 29.74 -7.47 -6.30
N GLY B 30 29.60 -8.64 -6.90
CA GLY B 30 30.21 -9.86 -6.40
C GLY B 30 29.42 -10.58 -5.32
N VAL B 31 28.16 -10.21 -5.14
CA VAL B 31 27.32 -10.86 -4.16
C VAL B 31 26.62 -11.99 -4.88
N LYS B 32 26.94 -13.22 -4.49
CA LYS B 32 26.32 -14.41 -5.05
C LYS B 32 25.16 -14.78 -4.16
N MET B 33 24.09 -15.27 -4.78
CA MET B 33 22.78 -15.37 -4.14
C MET B 33 22.03 -16.64 -4.53
N HIS B 34 21.30 -17.18 -3.58
CA HIS B 34 20.30 -18.18 -3.83
C HIS B 34 18.93 -17.50 -3.65
N ILE B 35 18.15 -17.42 -4.71
CA ILE B 35 16.82 -16.83 -4.67
C ILE B 35 15.75 -17.89 -4.97
N HIS B 36 14.62 -17.80 -4.28
N HIS B 36 14.61 -17.81 -4.29
CA HIS B 36 13.42 -18.60 -4.58
CA HIS B 36 13.43 -18.59 -4.64
C HIS B 36 12.30 -17.64 -5.00
C HIS B 36 12.30 -17.63 -5.01
N GLU B 37 11.92 -17.65 -6.29
CA GLU B 37 11.18 -16.53 -6.90
C GLU B 37 10.01 -15.98 -6.10
N GLN B 38 9.33 -16.88 -5.37
CA GLN B 38 8.14 -16.58 -4.58
C GLN B 38 8.42 -16.15 -3.13
N SER B 39 9.67 -16.23 -2.68
CA SER B 39 10.03 -16.10 -1.27
C SER B 39 10.56 -14.75 -0.83
N LEU B 40 10.16 -14.36 0.37
CA LEU B 40 10.64 -13.17 1.09
C LEU B 40 12.15 -13.26 1.33
N ILE B 41 12.63 -14.45 1.64
CA ILE B 41 13.97 -14.61 2.15
C ILE B 41 14.88 -15.16 1.07
N ALA B 42 15.96 -14.43 0.83
CA ALA B 42 17.00 -14.90 -0.03
C ALA B 42 18.27 -14.66 0.77
N PHE B 43 19.33 -15.34 0.42
CA PHE B 43 20.56 -15.16 1.16
C PHE B 43 21.74 -15.26 0.20
N SER B 44 22.76 -14.49 0.52
CA SER B 44 24.06 -14.57 -0.14
C SER B 44 24.75 -15.85 0.29
N THR B 45 25.36 -16.49 -0.71
CA THR B 45 26.04 -17.75 -0.51
C THR B 45 27.52 -17.54 -0.20
N ASN B 46 28.06 -16.36 -0.53
CA ASN B 46 29.48 -16.07 -0.31
C ASN B 46 29.74 -14.95 0.71
N LEU B 47 28.69 -14.31 1.25
CA LEU B 47 28.84 -13.21 2.23
C LEU B 47 27.71 -13.24 3.27
N PRO B 48 27.96 -12.68 4.48
CA PRO B 48 26.96 -12.73 5.54
C PRO B 48 25.89 -11.64 5.30
N ILE B 49 25.05 -11.85 4.29
CA ILE B 49 24.07 -10.87 3.84
C ILE B 49 22.75 -11.60 3.57
N ASP B 50 21.67 -11.06 4.11
CA ASP B 50 20.30 -11.55 3.87
C ASP B 50 19.62 -10.53 2.98
N ILE B 51 18.99 -11.03 1.92
CA ILE B 51 18.26 -10.21 0.97
C ILE B 51 16.77 -10.48 1.22
N LEU B 52 16.06 -9.42 1.56
CA LEU B 52 14.64 -9.48 1.87
C LEU B 52 13.91 -8.92 0.66
N ARG B 53 13.09 -9.76 0.05
CA ARG B 53 12.40 -9.40 -1.17
C ARG B 53 10.96 -9.03 -0.80
N VAL B 54 10.64 -7.76 -0.96
CA VAL B 54 9.40 -7.22 -0.38
C VAL B 54 8.73 -6.30 -1.35
N ARG B 55 7.51 -5.89 -1.02
CA ARG B 55 6.83 -4.88 -1.80
C ARG B 55 7.66 -3.59 -1.69
N ASP B 56 7.86 -2.85 -2.77
CA ASP B 56 8.70 -1.70 -2.76
C ASP B 56 8.23 -0.61 -1.76
N ASP B 57 6.91 -0.47 -1.64
CA ASP B 57 6.32 0.55 -0.75
C ASP B 57 6.65 0.30 0.69
N ASP B 58 7.01 -0.93 1.05
CA ASP B 58 7.45 -1.28 2.39
C ASP B 58 8.90 -0.92 2.75
N ILE B 59 9.74 -0.71 1.75
CA ILE B 59 11.18 -0.57 1.97
C ILE B 59 11.53 0.72 2.75
N PRO B 60 11.02 1.89 2.37
CA PRO B 60 11.32 3.07 3.21
C PRO B 60 11.00 2.82 4.68
N GLY B 61 9.81 2.29 4.98
CA GLY B 61 9.47 1.95 6.36
C GLY B 61 10.42 1.02 7.10
N LEU B 62 10.85 -0.04 6.44
CA LEU B 62 11.75 -1.01 7.05
C LEU B 62 13.06 -0.33 7.43
N ILE B 63 13.50 0.63 6.61
CA ILE B 63 14.74 1.38 6.87
C ILE B 63 14.52 2.40 8.01
N PHE B 64 13.46 3.18 7.93
CA PHE B 64 13.11 4.14 8.98
C PHE B 64 12.97 3.45 10.32
N ASP B 65 12.36 2.28 10.32
CA ASP B 65 12.15 1.53 11.57
C ASP B 65 13.34 0.67 11.97
N GLY B 66 14.42 0.69 11.17
CA GLY B 66 15.68 -0.01 11.47
C GLY B 66 15.55 -1.51 11.40
N VAL B 67 14.52 -2.01 10.68
CA VAL B 67 14.27 -3.47 10.57
C VAL B 67 15.29 -4.09 9.62
N VAL B 68 15.70 -3.33 8.63
CA VAL B 68 16.78 -3.75 7.77
C VAL B 68 17.86 -2.69 7.78
N ASP B 69 19.01 -3.05 7.19
CA ASP B 69 20.19 -2.21 7.22
C ASP B 69 20.29 -1.38 5.99
N LEU B 70 20.15 -2.04 4.83
CA LEU B 70 20.18 -1.34 3.57
C LEU B 70 18.89 -1.62 2.76
N GLY B 71 18.57 -0.70 1.87
CA GLY B 71 17.44 -0.84 0.96
C GLY B 71 17.73 -0.20 -0.36
N ILE B 72 17.26 -0.82 -1.45
CA ILE B 72 17.32 -0.21 -2.77
C ILE B 72 15.90 0.18 -3.14
N ILE B 73 15.68 1.44 -3.48
CA ILE B 73 14.29 1.93 -3.61
C ILE B 73 14.29 3.13 -4.52
N GLY B 74 13.19 3.35 -5.22
CA GLY B 74 13.04 4.58 -5.99
C GLY B 74 12.92 5.80 -5.08
N GLU B 75 13.53 6.92 -5.47
CA GLU B 75 13.41 8.18 -4.76
C GLU B 75 11.94 8.57 -4.50
N ASN B 76 11.10 8.40 -5.52
CA ASN B 76 9.67 8.68 -5.44
C ASN B 76 8.99 7.97 -4.29
N VAL B 77 9.17 6.66 -4.22
CA VAL B 77 8.59 5.83 -3.17
C VAL B 77 9.15 6.24 -1.79
N LEU B 78 10.45 6.46 -1.75
CA LEU B 78 11.10 6.90 -0.52
C LEU B 78 10.52 8.23 -0.02
N GLU B 79 10.44 9.20 -0.90
CA GLU B 79 9.93 10.54 -0.56
C GLU B 79 8.44 10.56 -0.13
N GLU B 80 7.63 9.81 -0.84
CA GLU B 80 6.22 9.68 -0.48
C GLU B 80 6.06 9.16 0.94
N ASN B 81 6.77 8.08 1.26
CA ASN B 81 6.64 7.50 2.59
C ASN B 81 7.31 8.30 3.71
N GLU B 82 8.39 9.01 3.38
CA GLU B 82 9.00 9.95 4.30
C GLU B 82 7.97 11.06 4.68
N LEU B 83 7.30 11.61 3.67
CA LEU B 83 6.31 12.66 3.90
C LEU B 83 5.16 12.12 4.71
N GLU B 84 4.70 10.91 4.41
CA GLU B 84 3.64 10.30 5.16
C GLU B 84 4.02 10.15 6.62
N ARG B 85 5.21 9.62 6.87
CA ARG B 85 5.67 9.40 8.23
C ARG B 85 5.79 10.74 8.96
N GLN B 86 6.37 11.74 8.29
CA GLN B 86 6.47 13.07 8.93
C GLN B 86 5.08 13.63 9.24
N SER B 87 4.14 13.48 8.30
CA SER B 87 2.78 13.99 8.50
C SER B 87 2.06 13.27 9.63
N LEU B 88 2.45 12.03 9.96
CA LEU B 88 1.90 11.38 11.13
C LEU B 88 2.52 11.86 12.44
N GLY B 89 3.46 12.80 12.36
CA GLY B 89 4.15 13.27 13.57
C GLY B 89 5.37 12.43 13.93
N GLU B 90 5.89 11.64 12.99
CA GLU B 90 7.06 10.82 13.25
C GLU B 90 8.31 11.48 12.70
N ASN B 91 9.45 10.87 12.98
CA ASN B 91 10.72 11.40 12.52
C ASN B 91 11.48 10.36 11.71
N PRO B 92 10.98 10.08 10.52
CA PRO B 92 11.73 9.17 9.65
C PRO B 92 13.10 9.69 9.24
N SER B 93 14.10 8.82 9.34
CA SER B 93 15.46 9.21 9.07
C SER B 93 16.19 8.05 8.35
N TYR B 94 17.15 8.41 7.51
CA TYR B 94 17.94 7.42 6.78
C TYR B 94 19.19 8.10 6.28
N LYS B 95 20.17 7.28 5.94
CA LYS B 95 21.34 7.74 5.22
C LYS B 95 21.19 7.44 3.72
N LEU B 96 21.47 8.42 2.88
CA LEU B 96 21.54 8.18 1.45
C LEU B 96 22.97 7.76 1.11
N LEU B 97 23.16 6.52 0.72
CA LEU B 97 24.52 6.06 0.30
C LEU B 97 24.85 6.37 -1.15
N LYS B 98 23.90 6.22 -2.06
CA LYS B 98 24.21 6.36 -3.47
C LYS B 98 22.94 6.51 -4.30
N LYS B 99 22.99 7.42 -5.25
CA LYS B 99 22.02 7.45 -6.29
C LYS B 99 22.44 6.49 -7.40
N LEU B 100 21.52 5.64 -7.87
CA LEU B 100 21.93 4.56 -8.76
C LEU B 100 21.61 4.88 -10.20
N ASP B 101 22.14 4.11 -11.15
N ASP B 101 22.00 3.94 -11.03
CA ASP B 101 21.95 4.43 -12.57
CA ASP B 101 22.14 4.08 -12.46
C ASP B 101 20.92 3.51 -13.22
C ASP B 101 20.95 3.49 -13.20
N PHE B 102 19.88 3.19 -12.47
CA PHE B 102 18.70 2.53 -13.04
C PHE B 102 17.46 3.03 -12.29
N GLY B 103 16.29 2.60 -12.73
CA GLY B 103 15.02 3.02 -12.16
C GLY B 103 14.63 4.44 -12.52
N TYR B 104 15.11 4.95 -13.66
N TYR B 104 15.13 4.95 -13.65
CA TYR B 104 14.76 6.31 -14.09
CA TYR B 104 14.76 6.29 -14.08
C TYR B 104 13.28 6.42 -14.40
C TYR B 104 13.26 6.37 -14.32
N CYS B 105 12.63 7.40 -13.80
CA CYS B 105 11.22 7.66 -14.06
C CYS B 105 10.90 9.06 -13.55
N ARG B 106 9.71 9.53 -13.84
CA ARG B 106 9.29 10.82 -13.33
C ARG B 106 7.83 10.74 -12.92
N LEU B 107 7.48 11.50 -11.90
CA LEU B 107 6.13 11.57 -11.41
C LEU B 107 5.58 12.80 -12.07
N SER B 108 4.52 12.60 -12.84
CA SER B 108 3.94 13.65 -13.62
C SER B 108 2.44 13.70 -13.52
N LEU B 109 1.91 14.90 -13.75
CA LEU B 109 0.49 15.09 -13.94
C LEU B 109 0.14 14.74 -15.39
N ALA B 110 -0.95 14.02 -15.57
CA ALA B 110 -1.42 13.67 -16.92
C ALA B 110 -2.91 13.87 -17.05
N LEU B 111 -3.32 14.19 -18.28
CA LEU B 111 -4.71 14.47 -18.66
C LEU B 111 -5.12 13.64 -19.88
N PRO B 112 -6.43 13.46 -20.09
CA PRO B 112 -6.82 12.82 -21.36
C PRO B 112 -6.23 13.54 -22.58
N GLN B 113 -5.76 12.79 -23.57
CA GLN B 113 -5.11 13.35 -24.76
C GLN B 113 -5.89 14.48 -25.39
N GLU B 114 -7.22 14.37 -25.34
CA GLU B 114 -8.10 15.34 -26.00
C GLU B 114 -8.35 16.61 -25.16
N ASN B 115 -7.92 16.62 -23.90
CA ASN B 115 -8.12 17.81 -23.04
C ASN B 115 -7.23 18.98 -23.41
N LYS B 116 -7.82 20.17 -23.38
CA LYS B 116 -7.06 21.40 -23.58
C LYS B 116 -6.33 21.70 -22.27
N PHE B 117 -5.03 21.93 -22.40
CA PHE B 117 -4.21 22.32 -21.26
C PHE B 117 -3.42 23.56 -21.61
N GLN B 118 -3.78 24.67 -20.96
CA GLN B 118 -3.06 25.91 -21.11
C GLN B 118 -2.07 26.10 -19.96
N ASN B 119 -2.52 25.76 -18.74
CA ASN B 119 -1.84 26.14 -17.52
C ASN B 119 -2.10 25.18 -16.36
N LEU B 120 -1.23 25.16 -15.36
CA LEU B 120 -1.46 24.37 -14.15
C LEU B 120 -2.81 24.72 -13.49
N LYS B 121 -3.21 25.99 -13.59
CA LYS B 121 -4.54 26.45 -13.14
C LYS B 121 -5.67 25.56 -13.69
N ASP B 122 -5.47 24.95 -14.85
CA ASP B 122 -6.43 23.98 -15.41
C ASP B 122 -6.64 22.75 -14.53
N PHE B 123 -5.86 22.59 -13.46
CA PHE B 123 -6.09 21.48 -12.55
C PHE B 123 -7.01 21.88 -11.38
N GLU B 124 -7.39 23.15 -11.31
CA GLU B 124 -8.21 23.66 -10.21
C GLU B 124 -9.55 22.94 -10.14
N GLY B 125 -9.87 22.44 -8.96
CA GLY B 125 -11.12 21.72 -8.75
C GLY B 125 -11.12 20.27 -9.22
N LEU B 126 -10.17 19.88 -10.05
CA LEU B 126 -10.16 18.53 -10.64
C LEU B 126 -9.91 17.41 -9.64
N ARG B 127 -10.54 16.27 -9.90
N ARG B 127 -10.51 16.26 -9.95
CA ARG B 127 -10.27 15.04 -9.17
CA ARG B 127 -10.24 15.01 -9.27
C ARG B 127 -9.00 14.46 -9.78
C ARG B 127 -8.96 14.44 -9.82
N ILE B 128 -8.02 14.14 -8.94
CA ILE B 128 -6.74 13.63 -9.42
C ILE B 128 -6.40 12.32 -8.76
N ALA B 129 -6.33 11.27 -9.59
CA ALA B 129 -5.98 9.93 -9.17
C ALA B 129 -4.45 9.75 -9.05
N THR B 130 -4.01 9.10 -7.97
CA THR B 130 -2.59 8.88 -7.73
C THR B 130 -2.34 7.86 -6.66
N SER B 131 -1.16 7.22 -6.74
CA SER B 131 -0.63 6.36 -5.69
C SER B 131 0.32 7.12 -4.77
N TYR B 132 0.56 8.40 -5.09
CA TYR B 132 1.47 9.23 -4.34
C TYR B 132 0.75 10.47 -3.78
N PRO B 133 -0.19 10.27 -2.87
CA PRO B 133 -1.01 11.39 -2.43
C PRO B 133 -0.23 12.50 -1.67
N GLN B 134 0.80 12.14 -0.89
CA GLN B 134 1.59 13.19 -0.19
C GLN B 134 2.40 14.00 -1.18
N LEU B 135 3.04 13.34 -2.16
CA LEU B 135 3.83 14.10 -3.16
C LEU B 135 2.94 15.02 -3.97
N LEU B 136 1.77 14.53 -4.36
CA LEU B 136 0.82 15.36 -5.09
C LEU B 136 0.36 16.54 -4.24
N LYS B 137 -0.03 16.26 -3.01
CA LYS B 137 -0.47 17.29 -2.10
C LYS B 137 0.52 18.40 -1.87
N ARG B 138 1.77 18.04 -1.59
CA ARG B 138 2.83 19.03 -1.42
C ARG B 138 2.99 19.86 -2.68
N PHE B 139 3.02 19.22 -3.84
CA PHE B 139 3.19 19.98 -5.08
C PHE B 139 2.02 20.95 -5.33
N MET B 140 0.80 20.49 -5.11
CA MET B 140 -0.34 21.34 -5.41
C MET B 140 -0.39 22.53 -4.43
N LYS B 141 -0.03 22.28 -3.17
CA LYS B 141 0.02 23.34 -2.16
C LYS B 141 1.06 24.38 -2.51
N GLU B 142 2.26 23.93 -2.86
CA GLU B 142 3.33 24.84 -3.21
C GLU B 142 3.04 25.65 -4.51
N ASN B 143 2.11 25.19 -5.34
CA ASN B 143 1.73 25.96 -6.53
C ASN B 143 0.35 26.64 -6.40
N GLY B 144 -0.23 26.61 -5.21
CA GLY B 144 -1.52 27.25 -4.96
C GLY B 144 -2.70 26.74 -5.77
N ILE B 145 -2.82 25.43 -5.93
CA ILE B 145 -3.89 24.86 -6.74
C ILE B 145 -4.70 23.90 -5.91
N ASN B 146 -6.01 24.13 -5.87
CA ASN B 146 -6.90 23.23 -5.11
C ASN B 146 -7.36 22.08 -6.00
N TYR B 147 -7.54 20.91 -5.41
CA TYR B 147 -7.96 19.73 -6.17
C TYR B 147 -8.59 18.77 -5.20
N LYS B 148 -9.18 17.72 -5.75
CA LYS B 148 -9.79 16.64 -4.99
C LYS B 148 -8.93 15.40 -5.17
N ASN B 149 -8.63 14.73 -4.06
CA ASN B 149 -7.76 13.59 -4.11
C ASN B 149 -8.49 12.31 -4.45
N CYS B 150 -7.80 11.42 -5.14
CA CYS B 150 -8.28 10.06 -5.33
C CYS B 150 -7.06 9.14 -5.19
N THR B 151 -6.94 8.44 -4.07
CA THR B 151 -5.81 7.51 -3.87
C THR B 151 -6.13 6.09 -4.39
N LEU B 152 -5.41 5.66 -5.41
CA LEU B 152 -5.46 4.28 -5.90
C LEU B 152 -4.02 3.71 -5.87
N THR B 153 -3.89 2.47 -5.40
CA THR B 153 -2.61 1.78 -5.31
C THR B 153 -2.22 1.23 -6.68
N GLY B 154 -3.18 0.91 -7.52
CA GLY B 154 -2.88 0.35 -8.86
C GLY B 154 -3.93 0.81 -9.87
N SER B 155 -3.63 0.60 -11.15
CA SER B 155 -4.51 0.94 -12.27
C SER B 155 -4.88 2.41 -12.29
N VAL B 156 -3.96 3.26 -11.81
CA VAL B 156 -4.20 4.68 -11.75
C VAL B 156 -4.57 5.26 -13.12
N GLU B 157 -3.91 4.76 -14.17
CA GLU B 157 -4.10 5.29 -15.51
C GLU B 157 -5.48 5.03 -16.07
N VAL B 158 -6.24 4.12 -15.49
CA VAL B 158 -7.57 3.85 -16.02
C VAL B 158 -8.66 4.69 -15.34
N ALA B 159 -8.28 5.42 -14.29
CA ALA B 159 -9.22 6.21 -13.50
C ALA B 159 -9.98 7.25 -14.32
N PRO B 160 -9.29 8.01 -15.19
CA PRO B 160 -10.03 8.96 -16.02
C PRO B 160 -11.02 8.33 -16.99
N ARG B 161 -10.60 7.30 -17.73
CA ARG B 161 -11.47 6.68 -18.71
C ARG B 161 -12.57 5.91 -17.99
N ALA B 162 -12.37 5.53 -16.72
CA ALA B 162 -13.44 4.99 -15.86
C ALA B 162 -14.31 6.04 -15.19
N ASN B 163 -14.08 7.32 -15.49
CA ASN B 163 -14.76 8.43 -14.83
C ASN B 163 -14.67 8.42 -13.30
N LEU B 164 -13.55 7.95 -12.78
CA LEU B 164 -13.21 8.04 -11.36
C LEU B 164 -12.45 9.35 -11.08
N ALA B 165 -11.80 9.92 -12.08
CA ALA B 165 -10.97 11.10 -11.87
C ALA B 165 -10.91 11.85 -13.17
N ASP B 166 -10.51 13.09 -13.10
CA ASP B 166 -10.36 13.91 -14.31
C ASP B 166 -8.93 13.88 -14.81
N ALA B 167 -8.01 13.44 -13.97
CA ALA B 167 -6.60 13.55 -14.25
C ALA B 167 -5.86 12.59 -13.36
N ILE B 168 -4.57 12.40 -13.62
CA ILE B 168 -3.79 11.50 -12.79
C ILE B 168 -2.44 12.10 -12.46
N CYS B 169 -1.84 11.60 -11.39
CA CYS B 169 -0.44 11.93 -11.06
C CYS B 169 0.26 10.60 -10.91
N ASP B 170 1.16 10.27 -11.84
CA ASP B 170 1.71 8.89 -11.88
C ASP B 170 3.13 8.83 -12.42
N LEU B 171 3.84 7.73 -12.13
CA LEU B 171 5.16 7.55 -12.67
C LEU B 171 5.08 7.28 -14.13
N VAL B 172 6.03 7.84 -14.86
CA VAL B 172 6.17 7.63 -16.28
C VAL B 172 7.62 7.26 -16.54
N SER B 173 7.86 6.11 -17.19
CA SER B 173 9.21 5.68 -17.59
C SER B 173 9.33 5.80 -19.10
N SER B 174 8.77 4.84 -19.82
CA SER B 174 8.78 4.86 -21.29
C SER B 174 7.73 5.77 -21.87
N GLY B 175 6.67 6.02 -21.11
CA GLY B 175 5.51 6.72 -21.63
C GLY B 175 4.50 5.81 -22.28
N ALA B 176 4.78 4.51 -22.33
CA ALA B 176 3.92 3.54 -23.03
C ALA B 176 2.55 3.38 -22.39
N THR B 177 2.51 3.40 -21.06
CA THR B 177 1.25 3.23 -20.33
C THR B 177 0.30 4.42 -20.55
N LEU B 178 0.86 5.63 -20.56
CA LEU B 178 0.07 6.84 -20.82
C LEU B 178 -0.46 6.79 -22.24
N GLN B 179 0.41 6.45 -23.19
CA GLN B 179 0.00 6.29 -24.60
C GLN B 179 -1.11 5.24 -24.75
N ALA B 180 -0.96 4.11 -24.08
CA ALA B 180 -1.96 3.03 -24.16
C ALA B 180 -3.31 3.46 -23.62
N ASN B 181 -3.33 4.38 -22.67
CA ASN B 181 -4.57 4.85 -22.09
C ASN B 181 -5.04 6.18 -22.67
N ASN B 182 -4.41 6.61 -23.78
CA ASN B 182 -4.71 7.88 -24.43
C ASN B 182 -4.65 9.07 -23.48
N LEU B 183 -3.62 9.09 -22.63
CA LEU B 183 -3.38 10.18 -21.71
C LEU B 183 -2.12 10.88 -22.16
N LYS B 184 -1.95 12.14 -21.76
CA LYS B 184 -0.74 12.89 -22.08
C LYS B 184 -0.13 13.55 -20.85
N GLU B 185 1.18 13.46 -20.82
CA GLU B 185 1.98 14.02 -19.77
C GLU B 185 2.03 15.54 -19.94
N VAL B 186 1.53 16.28 -18.97
CA VAL B 186 1.58 17.76 -19.07
C VAL B 186 2.49 18.48 -18.08
N LYS B 187 2.85 17.85 -16.97
CA LYS B 187 3.71 18.54 -16.01
C LYS B 187 4.47 17.54 -15.18
N VAL B 188 5.79 17.60 -15.22
CA VAL B 188 6.64 16.76 -14.37
C VAL B 188 6.73 17.39 -12.98
N ILE B 189 6.40 16.64 -11.94
CA ILE B 189 6.51 17.19 -10.58
C ILE B 189 7.72 16.65 -9.79
N TYR B 190 8.38 15.61 -10.26
CA TYR B 190 9.48 14.98 -9.50
C TYR B 190 10.26 14.05 -10.46
N GLU B 191 11.58 14.12 -10.45
CA GLU B 191 12.40 13.17 -11.22
C GLU B 191 13.09 12.22 -10.28
N SER B 192 13.13 10.95 -10.67
CA SER B 192 13.46 9.87 -9.74
C SER B 192 14.41 8.86 -10.39
N ARG B 193 15.16 8.18 -9.54
CA ARG B 193 16.00 7.08 -9.96
C ARG B 193 16.14 6.24 -8.70
N ALA B 194 16.52 4.97 -8.85
CA ALA B 194 16.72 4.15 -7.69
C ALA B 194 17.87 4.70 -6.84
N CYS B 195 17.84 4.42 -5.54
CA CYS B 195 18.92 4.83 -4.68
C CYS B 195 19.15 3.75 -3.65
N LEU B 196 20.36 3.71 -3.08
CA LEU B 196 20.72 2.79 -2.04
C LEU B 196 20.76 3.57 -0.74
N ILE B 197 20.00 3.13 0.26
CA ILE B 197 19.90 3.85 1.54
C ILE B 197 20.17 2.91 2.67
N GLN B 198 20.44 3.53 3.83
CA GLN B 198 20.85 2.78 5.02
C GLN B 198 20.11 3.29 6.19
N LYS B 199 19.87 2.44 7.18
CA LYS B 199 19.13 2.88 8.35
C LYS B 199 20.00 3.90 9.14
N GLU B 200 19.37 4.60 10.06
CA GLU B 200 19.99 5.77 10.70
C GLU B 200 20.97 5.37 11.79
N ASN B 201 20.60 4.36 12.57
CA ASN B 201 21.38 4.00 13.72
C ASN B 201 22.61 3.23 13.30
N ALA B 202 23.70 3.53 13.97
CA ALA B 202 25.00 3.05 13.59
C ALA B 202 24.99 1.55 13.50
N LEU B 203 25.64 1.02 12.46
CA LEU B 203 25.83 -0.43 12.36
C LEU B 203 27.00 -0.81 13.24
N SER B 204 27.04 -2.07 13.63
CA SER B 204 28.23 -2.65 14.22
C SER B 204 29.41 -2.40 13.27
N LYS B 205 30.59 -2.40 13.84
CA LYS B 205 31.81 -2.18 13.06
C LYS B 205 31.95 -3.15 11.92
N GLU B 206 31.70 -4.42 12.17
CA GLU B 206 31.79 -5.38 11.10
C GLU B 206 30.75 -5.16 10.03
N LYS B 207 29.52 -4.84 10.41
CA LYS B 207 28.54 -4.58 9.37
C LYS B 207 28.90 -3.35 8.56
N GLN B 208 29.33 -2.27 9.24
CA GLN B 208 29.71 -1.05 8.53
C GLN B 208 30.91 -1.30 7.61
N ALA B 209 31.84 -2.14 8.03
CA ALA B 209 32.97 -2.52 7.19
C ALA B 209 32.48 -3.23 5.91
N LEU B 210 31.53 -4.14 6.04
CA LEU B 210 30.95 -4.82 4.86
C LEU B 210 30.22 -3.82 3.97
N VAL B 211 29.53 -2.86 4.57
CA VAL B 211 28.84 -1.86 3.80
C VAL B 211 29.84 -1.04 3.02
N ASP B 212 30.91 -0.59 3.68
CA ASP B 212 31.95 0.21 3.00
C ASP B 212 32.58 -0.56 1.83
N LYS B 213 32.76 -1.85 2.02
CA LYS B 213 33.31 -2.71 0.96
C LYS B 213 32.31 -2.76 -0.20
N ILE B 214 31.04 -3.00 0.10
CA ILE B 214 30.04 -3.02 -0.95
C ILE B 214 29.97 -1.70 -1.72
N MET B 215 30.05 -0.59 -1.01
CA MET B 215 29.97 0.75 -1.61
C MET B 215 31.10 1.00 -2.58
N LEU B 216 32.31 0.57 -2.22
CA LEU B 216 33.43 0.67 -3.17
C LEU B 216 33.10 -0.09 -4.44
N ARG B 217 32.58 -1.30 -4.29
CA ARG B 217 32.24 -2.11 -5.46
C ARG B 217 31.14 -1.47 -6.28
N VAL B 218 30.19 -0.85 -5.61
CA VAL B 218 29.12 -0.13 -6.31
C VAL B 218 29.71 0.93 -7.17
N ALA B 219 30.61 1.74 -6.63
CA ALA B 219 31.25 2.77 -7.42
C ALA B 219 31.96 2.19 -8.63
N GLY B 220 32.79 1.17 -8.40
CA GLY B 220 33.52 0.50 -9.49
C GLY B 220 32.54 0.00 -10.55
N VAL B 221 31.47 -0.69 -10.11
CA VAL B 221 30.49 -1.24 -11.04
C VAL B 221 29.87 -0.13 -11.91
N MET B 222 29.49 0.98 -11.29
CA MET B 222 28.85 2.06 -12.02
C MET B 222 29.80 2.73 -13.04
N GLN B 223 31.05 2.97 -12.66
CA GLN B 223 32.02 3.51 -13.62
C GLN B 223 32.22 2.52 -14.78
N ALA B 224 32.31 1.24 -14.46
CA ALA B 224 32.54 0.18 -15.45
C ALA B 224 31.35 -0.03 -16.39
N ARG B 225 30.16 0.35 -15.96
CA ARG B 225 28.96 0.21 -16.78
C ARG B 225 28.70 1.40 -17.70
N GLU B 226 29.54 2.43 -17.64
CA GLU B 226 29.48 3.53 -18.60
C GLU B 226 30.42 3.16 -19.74
ZN ZN C . -19.41 -10.11 -20.49
ZN ZN D . -19.38 -11.52 -19.26
ZN ZN E . -5.13 -5.57 1.12
C ACT F . -2.63 1.89 2.95
O ACT F . -3.67 2.60 2.81
OXT ACT F . -2.47 1.14 3.96
CH3 ACT F . -1.58 1.94 1.87
C ACT G . 14.11 -9.58 15.10
O ACT G . 13.43 -8.86 15.85
OXT ACT G . 14.07 -10.84 15.13
CH3 ACT G . 15.00 -8.88 14.09
C1 PRP H . -5.43 -12.93 5.51
C2 PRP H . -4.07 -12.91 6.20
C3 PRP H . -3.59 -14.34 6.19
C4 PRP H . -4.82 -15.18 5.86
C5 PRP H . -5.20 -16.00 7.06
O1 PRP H . -5.33 -12.37 4.21
O2 PRP H . -3.16 -12.03 5.54
O3 PRP H . -2.58 -14.55 5.20
O4 PRP H . -5.88 -14.29 5.45
O5 PRP H . -6.34 -16.79 6.74
P PRP H . -6.58 -18.20 7.38
O1P PRP H . -7.89 -18.60 6.78
O2P PRP H . -6.60 -17.99 8.86
O3P PRP H . -5.43 -19.08 7.01
PA PRP H . -6.62 -11.71 3.47
O1A PRP H . -7.83 -11.68 4.37
O2A PRP H . -6.72 -12.35 2.10
O3A PRP H . -6.17 -10.18 3.31
PB PRP H . -6.28 -9.42 1.88
O1B PRP H . -7.51 -10.00 1.19
O2B PRP H . -6.34 -7.96 2.32
O3B PRP H . -4.97 -9.78 1.21
MG MG I . -6.49 -12.30 -0.41
C1 EDO J . -7.32 -18.00 21.25
O1 EDO J . -6.48 -17.15 22.02
C2 EDO J . -7.49 -17.36 19.88
O2 EDO J . -8.83 -17.55 19.43
ZN ZN K . 16.21 -23.66 -2.99
ZN ZN L . 4.56 -0.66 -5.29
ZN ZN M . 26.38 7.07 -14.03
C ACT N . 2.03 2.88 1.18
O ACT N . 1.02 2.16 1.26
OXT ACT N . 2.07 3.82 0.35
CH3 ACT N . 3.16 2.59 2.14
C1 PRP O . 4.57 2.61 -12.86
C2 PRP O . 3.23 3.26 -13.15
C3 PRP O . 2.85 2.70 -14.50
C4 PRP O . 4.17 2.34 -15.18
C5 PRP O . 4.49 3.33 -16.29
O1 PRP O . 4.37 1.38 -12.16
O2 PRP O . 2.25 2.94 -12.16
O3 PRP O . 2.01 1.55 -14.31
O4 PRP O . 5.17 2.37 -14.15
O5 PRP O . 5.65 2.98 -17.05
P PRP O . 5.76 3.32 -18.65
O1P PRP O . 4.57 2.62 -19.26
O2P PRP O . 5.68 4.82 -18.84
O3P PRP O . 7.12 2.76 -18.99
PA PRP O . 5.42 0.87 -11.04
O1A PRP O . 5.54 -0.64 -11.08
O2A PRP O . 6.65 1.72 -11.27
O3A PRP O . 4.77 1.37 -9.65
PB PRP O . 4.88 0.64 -8.20
O1B PRP O . 3.49 0.86 -7.64
O2B PRP O . 5.97 1.43 -7.50
O3B PRP O . 5.20 -0.83 -8.45
MG MG P . 6.39 -1.78 -9.96
C1 EDO Q . 33.47 -6.59 -6.94
O1 EDO Q . 33.59 -7.99 -7.08
C2 EDO Q . 32.76 -5.98 -8.14
O2 EDO Q . 33.03 -4.57 -8.24
#